data_7RAY
#
_entry.id   7RAY
#
_cell.length_a   37.599
_cell.length_b   71.992
_cell.length_c   126.107
_cell.angle_alpha   90.000
_cell.angle_beta   90.000
_cell.angle_gamma   90.000
#
_symmetry.space_group_name_H-M   'C 2 2 21'
#
loop_
_entity.id
_entity.type
_entity.pdbx_description
1 polymer 'Methyl-CpG-binding domain protein 2'
2 polymer "DNA (5'-D(*GP*CP*CP*AP*A)-R(P*(5MC))-D(P*GP*TP*TP*GP*GP*C)-3')"
3 non-polymer 'UNKNOWN ATOM OR ION'
4 water water
#
loop_
_entity_poly.entity_id
_entity_poly.type
_entity_poly.pdbx_seq_one_letter_code
_entity_poly.pdbx_strand_id
1 'polypeptide(L)' GATESGKRMDCPALPPGWKKEEVIRKSGLSAGKSEVYYFSPSGKKFRSKPQLARYLGNTVDLSSFDFRTGKMMPSKLQK A
2 'polydeoxyribonucleotide' (DG)(DC)(DC)(DA)(DA)(5CM)(DG)(DT)(DT)(DG)(DG)(DC) B,C
#
loop_
_chem_comp.id
_chem_comp.type
_chem_comp.name
_chem_comp.formula
5CM DNA linking 5-METHYL-2'-DEOXY-CYTIDINE-5'-MONOPHOSPHATE 'C10 H16 N3 O7 P'
DA DNA linking 2'-DEOXYADENOSINE-5'-MONOPHOSPHATE 'C10 H14 N5 O6 P'
DC DNA linking 2'-DEOXYCYTIDINE-5'-MONOPHOSPHATE 'C9 H14 N3 O7 P'
DG DNA linking 2'-DEOXYGUANOSINE-5'-MONOPHOSPHATE 'C10 H14 N5 O7 P'
DT DNA linking THYMIDINE-5'-MONOPHOSPHATE 'C10 H15 N2 O8 P'
UNX non-polymer 'UNKNOWN ATOM OR ION' ?
#
# COMPACT_ATOMS: atom_id res chain seq x y z
N GLY A 1 10.19 -10.15 -6.51
CA GLY A 1 10.26 -9.63 -5.16
C GLY A 1 9.37 -8.44 -4.90
N ALA A 2 9.88 -7.47 -4.16
CA ALA A 2 9.07 -6.37 -3.64
C ALA A 2 8.70 -5.33 -4.71
N THR A 3 9.50 -5.24 -5.77
CA THR A 3 9.20 -4.28 -6.83
C THR A 3 8.42 -4.90 -7.99
N GLU A 4 8.03 -6.16 -7.84
CA GLU A 4 7.19 -6.81 -8.83
C GLU A 4 5.78 -6.20 -8.79
N SER A 5 5.21 -5.96 -9.97
CA SER A 5 3.90 -5.33 -10.08
CA SER A 5 3.90 -5.32 -10.08
C SER A 5 2.79 -6.34 -10.36
N GLY A 6 1.55 -5.95 -10.07
CA GLY A 6 0.41 -6.80 -10.31
C GLY A 6 0.24 -7.98 -9.37
N LYS A 7 0.96 -7.97 -8.25
CA LYS A 7 0.94 -9.10 -7.33
C LYS A 7 0.85 -8.67 -5.87
N ARG A 8 -0.23 -9.07 -5.18
CA ARG A 8 -0.33 -8.82 -3.75
C ARG A 8 0.79 -9.55 -3.02
N MET A 9 1.40 -8.87 -2.04
CA MET A 9 2.54 -9.41 -1.35
C MET A 9 2.48 -8.97 0.09
N ASP A 10 3.12 -9.73 0.98
CA ASP A 10 3.21 -9.40 2.40
C ASP A 10 3.83 -8.01 2.60
N CYS A 11 3.28 -7.23 3.52
CA CYS A 11 3.92 -5.99 3.95
C CYS A 11 4.38 -6.15 5.41
N PRO A 12 5.63 -6.54 5.60
CA PRO A 12 6.13 -6.92 6.93
C PRO A 12 6.27 -5.76 7.93
N ALA A 13 6.16 -4.51 7.47
CA ALA A 13 6.25 -3.37 8.37
C ALA A 13 4.93 -3.10 9.09
N LEU A 14 3.85 -3.68 8.60
CA LEU A 14 2.54 -3.51 9.24
C LEU A 14 2.27 -4.71 10.14
N PRO A 15 1.20 -4.65 10.95
CA PRO A 15 0.82 -5.80 11.77
C PRO A 15 0.52 -7.02 10.92
N PRO A 16 0.55 -8.22 11.52
CA PRO A 16 0.44 -9.45 10.71
C PRO A 16 -0.77 -9.48 9.80
N GLY A 17 -0.61 -9.99 8.59
CA GLY A 17 -1.73 -10.22 7.70
C GLY A 17 -2.02 -9.12 6.68
N TRP A 18 -1.25 -8.04 6.73
CA TRP A 18 -1.44 -6.96 5.76
C TRP A 18 -0.67 -7.26 4.46
N LYS A 19 -1.30 -6.94 3.35
CA LYS A 19 -0.64 -7.13 2.06
C LYS A 19 -0.67 -5.83 1.27
N LYS A 20 0.12 -5.78 0.20
CA LYS A 20 0.30 -4.56 -0.57
C LYS A 20 0.26 -4.95 -2.05
N GLU A 21 -0.24 -4.06 -2.90
CA GLU A 21 -0.17 -4.33 -4.34
C GLU A 21 0.09 -3.04 -5.11
N GLU A 22 0.92 -3.15 -6.14
CA GLU A 22 1.17 -2.06 -7.07
C GLU A 22 0.44 -2.35 -8.37
N VAL A 23 -0.35 -1.38 -8.79
CA VAL A 23 -1.26 -1.56 -9.92
C VAL A 23 -0.98 -0.45 -10.91
N ILE A 24 -0.73 -0.84 -12.16
CA ILE A 24 -0.45 0.13 -13.21
C ILE A 24 -1.69 0.47 -14.01
N ARG A 25 -1.93 1.76 -14.22
CA ARG A 25 -3.13 2.19 -14.92
C ARG A 25 -3.01 1.77 -16.38
N LYS A 26 -4.14 1.55 -17.04
CA LYS A 26 -4.13 1.08 -18.43
C LYS A 26 -4.81 2.06 -19.37
N SER A 27 -6.09 2.35 -19.09
N SER A 27 -6.10 2.32 -19.11
CA SER A 27 -6.86 3.27 -19.92
C SER A 27 -6.51 4.72 -19.64
C SER A 27 -6.36 4.68 -19.58
N GLY A 28 -7.14 5.62 -20.39
N GLY A 28 -6.32 5.55 -20.59
CA GLY A 28 -7.17 7.03 -20.06
CA GLY A 28 -5.38 6.65 -20.62
C GLY A 28 -5.85 7.76 -20.07
C GLY A 28 -5.72 8.02 -20.06
N LEU A 29 -5.92 9.06 -19.81
N LEU A 29 -4.77 8.93 -20.28
CA LEU A 29 -4.76 9.94 -19.91
CA LEU A 29 -4.69 10.31 -19.75
C LEU A 29 -3.64 9.52 -18.95
C LEU A 29 -3.82 10.27 -18.50
N SER A 30 -4.01 9.21 -17.72
CA SER A 30 -3.09 8.90 -16.66
C SER A 30 -2.49 7.51 -16.82
N ALA A 31 -2.63 6.93 -18.01
CA ALA A 31 -2.15 5.58 -18.27
C ALA A 31 -0.68 5.46 -17.90
N GLY A 32 -0.28 4.25 -17.50
CA GLY A 32 1.09 3.97 -17.13
C GLY A 32 1.42 4.29 -15.68
N LYS A 33 0.67 5.20 -15.08
CA LYS A 33 0.96 5.63 -13.72
C LYS A 33 0.79 4.48 -12.74
N SER A 34 1.65 4.49 -11.72
CA SER A 34 1.71 3.44 -10.73
C SER A 34 0.99 3.87 -9.46
N GLU A 35 0.12 3.02 -8.95
CA GLU A 35 -0.49 3.26 -7.64
C GLU A 35 -0.38 2.05 -6.75
N VAL A 36 -0.53 2.30 -5.46
CA VAL A 36 -0.33 1.31 -4.44
C VAL A 36 -1.60 1.18 -3.61
N TYR A 37 -2.03 -0.06 -3.40
CA TYR A 37 -3.14 -0.36 -2.49
C TYR A 37 -2.69 -1.28 -1.38
N TYR A 38 -3.33 -1.17 -0.22
CA TYR A 38 -3.13 -2.10 0.89
C TYR A 38 -4.41 -2.88 1.13
N PHE A 39 -4.25 -4.09 1.64
CA PHE A 39 -5.37 -4.95 2.03
C PHE A 39 -5.18 -5.40 3.47
N SER A 40 -6.20 -5.17 4.29
CA SER A 40 -6.17 -5.56 5.69
C SER A 40 -6.27 -7.08 5.80
N PRO A 41 -6.06 -7.61 7.01
CA PRO A 41 -6.31 -9.05 7.19
C PRO A 41 -7.75 -9.41 6.84
N SER A 42 -8.67 -8.48 7.02
CA SER A 42 -10.08 -8.71 6.72
C SER A 42 -10.35 -8.56 5.23
N GLY A 43 -9.41 -7.98 4.50
CA GLY A 43 -9.50 -7.91 3.06
C GLY A 43 -9.98 -6.59 2.50
N LYS A 44 -10.21 -5.60 3.37
CA LYS A 44 -10.65 -4.28 2.93
C LYS A 44 -9.49 -3.54 2.24
N LYS A 45 -9.82 -2.76 1.22
CA LYS A 45 -8.77 -2.10 0.45
C LYS A 45 -8.55 -0.70 0.96
N PHE A 46 -7.28 -0.28 0.96
CA PHE A 46 -6.86 1.00 1.51
C PHE A 46 -6.04 1.72 0.50
N ARG A 47 -6.29 3.01 0.34
CA ARG A 47 -5.74 3.72 -0.81
C ARG A 47 -4.83 4.86 -0.42
N SER A 48 -4.72 5.12 0.88
CA SER A 48 -3.88 6.22 1.33
C SER A 48 -3.33 5.97 2.74
N LYS A 49 -2.22 6.61 3.03
CA LYS A 49 -1.68 6.56 4.39
C LYS A 49 -2.67 7.10 5.45
N PRO A 50 -3.31 8.27 5.20
CA PRO A 50 -4.29 8.72 6.19
C PRO A 50 -5.42 7.73 6.44
N GLN A 51 -5.83 7.03 5.39
CA GLN A 51 -6.85 6.00 5.51
C GLN A 51 -6.38 4.83 6.38
N LEU A 52 -5.12 4.44 6.22
CA LEU A 52 -4.54 3.39 7.08
C LEU A 52 -4.47 3.83 8.53
N ALA A 53 -4.05 5.07 8.73
CA ALA A 53 -3.93 5.63 10.08
C ALA A 53 -5.28 5.66 10.79
N ARG A 54 -6.33 6.08 10.08
CA ARG A 54 -7.67 6.11 10.66
C ARG A 54 -8.11 4.74 11.13
N TYR A 55 -7.72 3.74 10.38
CA TYR A 55 -8.20 2.38 10.62
C TYR A 55 -7.36 1.68 11.70
N LEU A 56 -6.05 1.89 11.65
CA LEU A 56 -5.14 1.17 12.56
C LEU A 56 -5.03 1.81 13.94
N GLY A 57 -5.32 3.10 14.04
CA GLY A 57 -5.22 3.82 15.30
C GLY A 57 -3.86 3.72 15.97
N ASN A 58 -3.84 3.48 17.28
CA ASN A 58 -2.57 3.43 18.01
C ASN A 58 -1.92 2.04 18.02
N THR A 59 -2.41 1.12 17.18
CA THR A 59 -1.80 -0.19 17.07
C THR A 59 -0.54 -0.14 16.20
N VAL A 60 -0.37 0.99 15.52
CA VAL A 60 0.82 1.26 14.71
C VAL A 60 1.22 2.73 14.74
N ASP A 61 2.52 2.96 14.69
CA ASP A 61 3.02 4.29 14.49
C ASP A 61 3.41 4.44 13.01
N LEU A 62 2.60 5.14 12.22
CA LEU A 62 2.88 5.26 10.79
C LEU A 62 3.70 6.51 10.45
N SER A 63 4.25 7.19 11.45
CA SER A 63 4.89 8.48 11.22
C SER A 63 6.03 8.43 10.20
N SER A 64 6.76 7.32 10.16
CA SER A 64 7.85 7.18 9.18
CA SER A 64 7.85 7.18 9.19
C SER A 64 7.52 6.19 8.08
N PHE A 65 6.27 5.72 8.03
CA PHE A 65 5.84 4.75 7.03
C PHE A 65 5.83 5.35 5.61
N ASP A 66 6.55 4.72 4.69
CA ASP A 66 6.54 5.16 3.28
C ASP A 66 5.49 4.36 2.54
N PHE A 67 4.39 5.02 2.20
CA PHE A 67 3.21 4.35 1.65
C PHE A 67 3.54 3.60 0.35
N ARG A 68 4.39 4.19 -0.47
CA ARG A 68 4.67 3.61 -1.77
C ARG A 68 5.43 2.28 -1.64
N THR A 69 6.38 2.23 -0.71
CA THR A 69 7.22 1.04 -0.57
C THR A 69 6.82 0.12 0.57
N GLY A 70 6.00 0.65 1.47
CA GLY A 70 5.57 -0.14 2.62
C GLY A 70 6.65 -0.32 3.65
N LYS A 71 7.74 0.44 3.54
CA LYS A 71 8.82 0.37 4.53
C LYS A 71 8.78 1.51 5.53
N MET A 72 9.33 1.29 6.73
CA MET A 72 9.52 2.39 7.67
C MET A 72 10.82 3.05 7.28
N MET A 73 10.77 4.34 6.94
CA MET A 73 11.94 5.03 6.44
C MET A 73 12.23 6.31 7.22
N PRO A 74 12.80 6.15 8.43
CA PRO A 74 13.10 7.26 9.35
C PRO A 74 14.14 8.25 8.79
N1 5CM B 6 -9.12 10.63 -3.25
C2 5CM B 6 -9.14 10.93 -4.63
N3 5CM B 6 -8.47 10.17 -5.53
C4 5CM B 6 -7.76 9.12 -5.10
C5 5CM B 6 -7.71 8.79 -3.66
C5A 5CM B 6 -6.91 7.62 -3.20
C6 5CM B 6 -8.42 9.60 -2.78
O2 5CM B 6 -9.82 11.90 -5.00
N4 5CM B 6 -7.06 8.34 -5.96
C1' 5CM B 6 -9.89 11.54 -2.37
C2' 5CM B 6 -11.05 10.92 -1.59
C3' 5CM B 6 -11.12 11.75 -0.31
C4' 5CM B 6 -9.83 12.55 -0.29
O4' 5CM B 6 -9.04 12.13 -1.39
O3' 5CM B 6 -12.16 12.73 -0.32
C5' 5CM B 6 -9.09 12.40 1.03
O5' 5CM B 6 -8.72 11.05 1.23
P 5CM B 6 -7.66 10.74 2.40
OP1 5CM B 6 -8.23 11.33 3.68
OP2 5CM B 6 -7.33 9.28 2.30
N1 5CM C 6 -9.87 6.63 -12.54
C2 5CM C 6 -10.58 7.29 -11.53
N3 5CM C 6 -10.27 7.09 -10.22
C4 5CM C 6 -9.26 6.23 -9.89
C5 5CM C 6 -8.51 5.53 -10.95
C5A 5CM C 6 -7.39 4.58 -10.64
C6 5CM C 6 -8.87 5.78 -12.27
O2 5CM C 6 -11.51 8.06 -11.85
N4 5CM C 6 -8.96 6.01 -8.59
C1' 5CM C 6 -10.19 6.86 -13.95
C2' 5CM C 6 -8.97 7.52 -14.56
C3' 5CM C 6 -8.72 6.84 -15.88
C4' 5CM C 6 -9.71 5.68 -15.90
O4' 5CM C 6 -10.34 5.61 -14.62
O3' 5CM C 6 -9.07 7.73 -16.93
C5' 5CM C 6 -9.04 4.36 -16.23
O5' 5CM C 6 -7.89 4.19 -15.43
P 5CM C 6 -7.29 2.71 -15.27
OP1 5CM C 6 -6.71 2.27 -16.60
OP2 5CM C 6 -6.41 2.71 -14.05
UNK UNX D . -1.00 5.35 -4.80
UNK UNX E . -2.97 18.50 -1.14
#